data_1M1B
#
_entry.id   1M1B
#
_cell.length_a   90.024
_cell.length_b   130.441
_cell.length_c   90.475
_cell.angle_alpha   90.00
_cell.angle_beta   90.00
_cell.angle_gamma   90.00
#
_symmetry.space_group_name_H-M   'C 2 2 21'
#
loop_
_entity.id
_entity.type
_entity.pdbx_description
1 polymer 'PHOSPHOENOLPYRUVATE PHOSPHOMUTASE'
2 non-polymer 'MAGNESIUM ION'
3 non-polymer SULFOPYRUVATE
4 water water
#
_entity_poly.entity_id   1
_entity_poly.type   'polypeptide(L)'
_entity_poly.pdbx_seq_one_letter_code
;MSTKVKKTTQLKQMLNSKDLEFIMEAHNGLSARIVQEAGFKGIWGSGLSVSAQLGVRDSNEASWTQVVEVLEFMSDASDV
PILLDADTGYGNFNNARRLVRKLEDRGVAGACLEDKLFPKTNSLHDGRAQPLADIEEFALKIKACKDSQTDPDFCIVARV
EAFIAGWGLDEALKRAEAYRNAGADAILMHSKKADPSDIEAFMKAWNNQGPVVIVPTKYYKTPTDHFRDMGVSMVIWANH
NLRASVSAIQQTTKQIYDDQSLVNVEDKIVSVKEIFRLQRDDELVQAEDKYLPKN
;
_entity_poly.pdbx_strand_id   A,B
#
loop_
_chem_comp.id
_chem_comp.type
_chem_comp.name
_chem_comp.formula
MG non-polymer 'MAGNESIUM ION' 'Mg 2'
SPV non-polymer SULFOPYRUVATE 'C3 H4 O6 S'
#
# COMPACT_ATOMS: atom_id res chain seq x y z
N VAL A 5 -11.49 -1.73 17.84
CA VAL A 5 -11.22 -0.27 17.79
C VAL A 5 -10.21 0.14 16.71
N LYS A 6 -10.69 0.41 15.51
CA LYS A 6 -9.85 0.83 14.41
C LYS A 6 -9.14 2.15 14.74
N LYS A 7 -8.00 2.39 14.10
CA LYS A 7 -7.23 3.60 14.32
C LYS A 7 -8.05 4.85 13.97
N THR A 8 -8.80 4.80 12.88
CA THR A 8 -9.62 5.94 12.46
C THR A 8 -10.55 6.31 13.61
N THR A 9 -11.24 5.31 14.14
CA THR A 9 -12.18 5.54 15.24
C THR A 9 -11.49 6.27 16.40
N GLN A 10 -10.31 5.78 16.77
CA GLN A 10 -9.55 6.36 17.85
C GLN A 10 -9.29 7.82 17.59
N LEU A 11 -8.69 8.12 16.44
CA LEU A 11 -8.43 9.51 16.10
C LEU A 11 -9.74 10.32 16.07
N LYS A 12 -10.83 9.72 15.59
CA LYS A 12 -12.11 10.42 15.55
C LYS A 12 -12.54 10.81 16.96
N GLN A 13 -12.44 9.85 17.87
CA GLN A 13 -12.81 10.07 19.25
C GLN A 13 -11.93 11.10 19.94
N MET A 14 -10.64 11.10 19.65
CA MET A 14 -9.76 12.09 20.29
C MET A 14 -10.16 13.49 19.86
N LEU A 15 -10.35 13.68 18.55
CA LEU A 15 -10.76 14.99 18.02
C LEU A 15 -12.10 15.45 18.61
N ASN A 16 -13.05 14.54 18.68
CA ASN A 16 -14.39 14.83 19.19
C ASN A 16 -14.50 14.91 20.71
N SER A 17 -13.45 14.53 21.42
CA SER A 17 -13.48 14.55 22.88
C SER A 17 -13.34 15.96 23.47
N LYS A 18 -14.23 16.31 24.39
CA LYS A 18 -14.19 17.62 25.07
C LYS A 18 -12.83 17.70 25.74
N ASP A 19 -12.40 16.57 26.30
CA ASP A 19 -11.11 16.43 26.96
C ASP A 19 -9.99 16.74 25.94
N LEU A 20 -8.96 17.45 26.41
CA LEU A 20 -7.81 17.84 25.59
C LEU A 20 -6.92 16.63 25.26
N GLU A 21 -6.65 16.43 23.98
CA GLU A 21 -5.84 15.31 23.52
C GLU A 21 -4.43 15.72 23.08
N PHE A 22 -3.53 14.74 23.05
CA PHE A 22 -2.15 14.98 22.64
C PHE A 22 -1.59 13.96 21.64
N ILE A 23 -1.09 14.44 20.51
CA ILE A 23 -0.45 13.54 19.56
C ILE A 23 0.99 14.06 19.44
N MET A 24 1.92 13.11 19.30
CA MET A 24 3.35 13.41 19.25
C MET A 24 3.97 13.08 17.90
N GLU A 25 4.89 13.93 17.46
CA GLU A 25 5.51 13.72 16.16
C GLU A 25 6.43 12.53 16.15
N ALA A 26 6.38 11.84 15.01
CA ALA A 26 7.19 10.69 14.70
C ALA A 26 7.43 10.94 13.23
N HIS A 27 8.59 10.51 12.74
CA HIS A 27 8.97 10.74 11.37
C HIS A 27 9.45 9.48 10.70
N ASN A 28 9.29 8.35 11.37
CA ASN A 28 9.68 7.06 10.82
C ASN A 28 9.15 5.91 11.67
N GLY A 29 9.21 4.71 11.13
CA GLY A 29 8.71 3.56 11.87
C GLY A 29 9.23 3.43 13.27
N LEU A 30 10.54 3.59 13.44
CA LEU A 30 11.18 3.49 14.75
C LEU A 30 10.60 4.47 15.77
N SER A 31 10.52 5.75 15.41
CA SER A 31 9.97 6.74 16.33
C SER A 31 8.47 6.56 16.51
N ALA A 32 7.81 5.96 15.54
CA ALA A 32 6.38 5.73 15.67
C ALA A 32 6.13 4.74 16.82
N ARG A 33 6.96 3.70 16.87
CA ARG A 33 6.88 2.66 17.90
C ARG A 33 7.16 3.25 19.28
N ILE A 34 8.16 4.13 19.37
CA ILE A 34 8.54 4.77 20.63
C ILE A 34 7.41 5.66 21.20
N VAL A 35 6.88 6.54 20.35
CA VAL A 35 5.78 7.42 20.74
C VAL A 35 4.66 6.54 21.28
N GLN A 36 4.42 5.41 20.63
CA GLN A 36 3.38 4.56 21.11
C GLN A 36 3.73 3.94 22.48
N GLU A 37 4.96 3.43 22.59
CA GLU A 37 5.38 2.80 23.82
C GLU A 37 5.34 3.73 25.03
N ALA A 38 5.57 5.01 24.82
CA ALA A 38 5.55 5.97 25.89
C ALA A 38 4.15 6.18 26.45
N GLY A 39 3.13 5.75 25.70
CA GLY A 39 1.75 5.90 26.11
C GLY A 39 0.88 6.87 25.31
N PHE A 40 1.48 7.64 24.39
CA PHE A 40 0.73 8.61 23.58
C PHE A 40 -0.42 7.94 22.83
N LYS A 41 -1.58 8.59 22.83
CA LYS A 41 -2.75 8.07 22.15
C LYS A 41 -2.72 8.38 20.65
N GLY A 42 -1.76 9.19 20.21
CA GLY A 42 -1.69 9.52 18.80
C GLY A 42 -0.35 9.95 18.24
N ILE A 43 -0.21 9.92 16.92
CA ILE A 43 1.03 10.29 16.29
C ILE A 43 0.87 11.37 15.22
N TRP A 44 1.76 12.37 15.24
CA TRP A 44 1.75 13.44 14.23
C TRP A 44 2.84 13.15 13.20
N GLY A 45 2.41 12.91 11.96
CA GLY A 45 3.34 12.65 10.87
C GLY A 45 3.74 14.00 10.31
N SER A 46 4.66 14.67 11.01
CA SER A 46 5.15 16.00 10.61
C SER A 46 5.66 16.09 9.18
N GLY A 47 5.08 17.00 8.40
CA GLY A 47 5.53 17.16 7.03
C GLY A 47 7.02 17.50 7.05
N LEU A 48 7.41 18.40 7.94
CA LEU A 48 8.79 18.81 8.04
C LEU A 48 9.72 17.71 8.57
N SER A 49 9.30 16.97 9.60
CA SER A 49 10.17 15.94 10.17
C SER A 49 10.39 14.77 9.20
N VAL A 50 9.37 14.49 8.39
CA VAL A 50 9.48 13.39 7.44
C VAL A 50 10.44 13.80 6.32
N SER A 51 10.29 15.03 5.83
CA SER A 51 11.15 15.48 4.76
C SER A 51 12.53 15.70 5.31
N ALA A 52 12.60 16.13 6.58
CA ALA A 52 13.89 16.37 7.20
C ALA A 52 14.74 15.10 7.32
N GLN A 53 14.15 14.01 7.78
CA GLN A 53 14.89 12.76 7.94
C GLN A 53 15.42 12.26 6.59
N LEU A 54 14.69 12.60 5.54
CA LEU A 54 15.10 12.21 4.19
C LEU A 54 16.26 13.08 3.69
N GLY A 55 16.40 14.26 4.29
CA GLY A 55 17.47 15.16 3.90
C GLY A 55 17.04 16.21 2.88
N VAL A 56 15.73 16.28 2.61
CA VAL A 56 15.24 17.27 1.65
C VAL A 56 14.50 18.35 2.44
N ARG A 57 13.93 19.31 1.72
CA ARG A 57 13.22 20.39 2.35
C ARG A 57 11.72 20.12 2.51
N ASP A 58 11.09 20.85 3.42
CA ASP A 58 9.67 20.69 3.63
C ASP A 58 8.94 21.53 2.59
N SER A 59 9.15 21.19 1.32
CA SER A 59 8.52 21.93 0.24
C SER A 59 8.15 21.04 -0.96
N ASN A 60 7.54 19.90 -0.64
CA ASN A 60 7.13 18.94 -1.64
C ASN A 60 8.21 18.50 -2.62
N GLU A 61 9.40 18.19 -2.10
CA GLU A 61 10.48 17.72 -2.95
C GLU A 61 10.37 16.23 -3.05
N ALA A 62 10.11 15.56 -1.94
CA ALA A 62 9.92 14.11 -1.97
C ALA A 62 8.54 13.98 -2.64
N SER A 63 8.28 12.89 -3.35
CA SER A 63 6.97 12.73 -3.99
C SER A 63 5.98 12.30 -2.91
N TRP A 64 4.70 12.51 -3.16
CA TRP A 64 3.70 12.12 -2.19
C TRP A 64 3.70 10.59 -1.89
N THR A 65 4.00 9.76 -2.89
CA THR A 65 4.01 8.31 -2.67
C THR A 65 5.24 7.96 -1.80
N GLN A 66 6.24 8.81 -1.83
CA GLN A 66 7.41 8.58 -1.01
C GLN A 66 6.97 8.98 0.40
N VAL A 67 6.17 10.03 0.53
CA VAL A 67 5.71 10.39 1.85
C VAL A 67 4.84 9.25 2.39
N VAL A 68 3.96 8.73 1.54
CA VAL A 68 3.06 7.65 1.95
C VAL A 68 3.83 6.38 2.29
N GLU A 69 4.89 6.09 1.53
CA GLU A 69 5.68 4.90 1.82
C GLU A 69 6.26 5.04 3.22
N VAL A 70 6.92 6.16 3.49
CA VAL A 70 7.48 6.38 4.82
C VAL A 70 6.42 6.10 5.88
N LEU A 71 5.25 6.72 5.69
CA LEU A 71 4.10 6.57 6.58
C LEU A 71 3.56 5.14 6.67
N GLU A 72 3.77 4.36 5.61
CA GLU A 72 3.32 2.98 5.60
C GLU A 72 4.10 2.23 6.69
N PHE A 73 5.43 2.37 6.69
CA PHE A 73 6.27 1.72 7.68
C PHE A 73 5.90 2.14 9.09
N MET A 74 5.42 3.39 9.19
CA MET A 74 5.01 3.96 10.47
C MET A 74 3.70 3.38 10.96
N SER A 75 2.78 3.15 10.04
CA SER A 75 1.48 2.59 10.38
C SER A 75 1.66 1.12 10.80
N ASP A 76 2.47 0.39 10.04
CA ASP A 76 2.72 -1.00 10.35
C ASP A 76 3.33 -1.14 11.74
N ALA A 77 4.17 -0.18 12.14
CA ALA A 77 4.85 -0.27 13.42
C ALA A 77 4.17 0.42 14.57
N SER A 78 2.89 0.73 14.44
CA SER A 78 2.19 1.41 15.51
C SER A 78 0.75 0.95 15.59
N ASP A 79 0.20 0.96 16.80
CA ASP A 79 -1.21 0.55 16.98
C ASP A 79 -2.08 1.78 17.21
N VAL A 80 -1.43 2.91 17.48
CA VAL A 80 -2.17 4.15 17.68
C VAL A 80 -2.27 4.93 16.37
N PRO A 81 -3.36 5.69 16.19
CA PRO A 81 -3.57 6.45 14.97
C PRO A 81 -2.51 7.47 14.57
N ILE A 82 -2.31 7.61 13.27
CA ILE A 82 -1.36 8.57 12.74
C ILE A 82 -2.16 9.59 11.96
N LEU A 83 -1.96 10.86 12.28
CA LEU A 83 -2.59 11.92 11.53
C LEU A 83 -1.37 12.39 10.72
N LEU A 84 -1.51 12.43 9.40
CA LEU A 84 -0.41 12.85 8.52
C LEU A 84 -0.51 14.31 8.12
N ASP A 85 0.57 15.06 8.34
CA ASP A 85 0.59 16.45 7.90
C ASP A 85 0.77 16.28 6.39
N ALA A 86 -0.32 16.38 5.66
CA ALA A 86 -0.28 16.15 4.22
C ALA A 86 -0.09 17.40 3.38
N ASP A 87 0.41 18.47 3.99
CA ASP A 87 0.61 19.73 3.25
C ASP A 87 -0.69 20.27 2.65
N THR A 88 -0.67 20.52 1.33
CA THR A 88 -1.85 21.08 0.65
C THR A 88 -2.68 20.06 -0.10
N GLY A 89 -2.29 18.78 0.01
CA GLY A 89 -3.02 17.73 -0.68
C GLY A 89 -2.28 17.27 -1.90
N TYR A 90 -1.10 17.86 -2.10
CA TYR A 90 -0.23 17.53 -3.20
C TYR A 90 -0.81 17.84 -4.59
N GLY A 91 -1.75 18.78 -4.66
CA GLY A 91 -2.36 19.13 -5.93
C GLY A 91 -3.78 19.60 -5.73
N ASN A 92 -4.68 19.27 -6.66
CA ASN A 92 -6.08 19.69 -6.50
C ASN A 92 -6.89 18.59 -5.78
N PHE A 93 -8.22 18.73 -5.75
CA PHE A 93 -9.08 17.77 -5.06
C PHE A 93 -8.81 16.33 -5.50
N ASN A 94 -8.49 16.14 -6.77
CA ASN A 94 -8.24 14.79 -7.29
C ASN A 94 -6.98 14.17 -6.69
N ASN A 95 -5.89 14.93 -6.64
CA ASN A 95 -4.67 14.40 -6.02
C ASN A 95 -5.05 14.19 -4.56
N ALA A 96 -5.82 15.10 -4.01
CA ALA A 96 -6.24 15.03 -2.62
C ALA A 96 -6.98 13.75 -2.28
N ARG A 97 -8.04 13.45 -3.04
CA ARG A 97 -8.84 12.28 -2.78
C ARG A 97 -8.10 10.99 -3.08
N ARG A 98 -7.21 11.00 -4.07
CA ARG A 98 -6.44 9.79 -4.37
C ARG A 98 -5.53 9.49 -3.14
N LEU A 99 -4.93 10.54 -2.57
CA LEU A 99 -4.08 10.41 -1.38
C LEU A 99 -4.85 9.80 -0.20
N VAL A 100 -6.10 10.26 -0.02
CA VAL A 100 -6.97 9.78 1.05
C VAL A 100 -7.24 8.29 0.92
N ARG A 101 -7.33 7.80 -0.30
CA ARG A 101 -7.55 6.38 -0.49
C ARG A 101 -6.29 5.58 -0.13
N LYS A 102 -5.13 6.10 -0.50
CA LYS A 102 -3.91 5.39 -0.20
C LYS A 102 -3.72 5.38 1.30
N LEU A 103 -4.09 6.48 1.94
CA LEU A 103 -3.94 6.59 3.38
C LEU A 103 -4.81 5.56 4.12
N GLU A 104 -6.08 5.46 3.76
CA GLU A 104 -6.97 4.47 4.38
C GLU A 104 -6.34 3.07 4.29
N ASP A 105 -6.01 2.67 3.06
CA ASP A 105 -5.42 1.36 2.78
C ASP A 105 -4.21 1.01 3.64
N ARG A 106 -3.34 1.98 3.92
CA ARG A 106 -2.15 1.74 4.74
C ARG A 106 -2.39 1.73 6.25
N GLY A 107 -3.63 2.01 6.65
CA GLY A 107 -3.96 2.04 8.07
C GLY A 107 -3.83 3.42 8.72
N VAL A 108 -3.47 4.45 7.95
CA VAL A 108 -3.34 5.81 8.46
C VAL A 108 -4.72 6.35 8.88
N ALA A 109 -4.82 6.91 10.08
CA ALA A 109 -6.10 7.43 10.60
C ALA A 109 -6.67 8.69 9.94
N GLY A 110 -5.82 9.62 9.55
CA GLY A 110 -6.34 10.82 8.92
C GLY A 110 -5.31 11.68 8.23
N ALA A 111 -5.79 12.67 7.49
CA ALA A 111 -4.91 13.58 6.79
C ALA A 111 -5.25 15.02 7.15
N CYS A 112 -4.22 15.87 7.24
CA CYS A 112 -4.39 17.27 7.55
C CYS A 112 -3.93 18.05 6.33
N LEU A 113 -4.82 18.88 5.79
CA LEU A 113 -4.51 19.67 4.61
C LEU A 113 -4.55 21.17 4.97
N GLU A 114 -3.67 21.94 4.33
CA GLU A 114 -3.57 23.38 4.58
C GLU A 114 -3.95 24.24 3.38
N ASP A 115 -4.65 25.34 3.63
CA ASP A 115 -5.10 26.20 2.54
C ASP A 115 -4.02 27.04 1.87
N LYS A 116 -3.00 26.37 1.36
CA LYS A 116 -1.91 27.03 0.65
C LYS A 116 -1.79 26.51 -0.80
N LEU A 117 -0.74 26.90 -1.49
CA LEU A 117 -0.55 26.48 -2.87
C LEU A 117 0.56 25.40 -3.00
N PHE A 118 0.47 24.57 -4.04
CA PHE A 118 1.48 23.53 -4.26
C PHE A 118 2.57 24.01 -5.22
N PRO A 119 3.84 23.88 -4.81
CA PRO A 119 4.34 23.33 -3.55
C PRO A 119 4.35 24.36 -2.39
N LYS A 120 4.20 23.87 -1.16
CA LYS A 120 4.15 24.76 -0.02
C LYS A 120 5.51 25.10 0.62
N THR A 121 5.51 26.04 1.55
CA THR A 121 6.71 26.48 2.28
C THR A 121 6.42 26.26 3.74
N ASN A 122 7.40 25.83 4.52
CA ASN A 122 7.12 25.60 5.94
C ASN A 122 6.56 26.88 6.54
N SER A 123 5.66 26.75 7.51
CA SER A 123 5.01 27.89 8.17
C SER A 123 5.86 28.67 9.17
N LEU A 124 6.94 28.04 9.63
CA LEU A 124 7.82 28.65 10.63
C LEU A 124 8.83 29.64 10.06
N HIS A 125 8.78 29.87 8.75
CA HIS A 125 9.69 30.81 8.12
C HIS A 125 9.16 32.24 8.15
N ASP A 126 10.06 33.19 8.38
CA ASP A 126 9.68 34.59 8.42
C ASP A 126 9.97 35.26 7.08
N GLY A 127 9.11 36.19 6.70
CA GLY A 127 9.30 36.92 5.46
C GLY A 127 9.43 36.10 4.20
N ARG A 128 8.43 35.28 3.91
CA ARG A 128 8.45 34.47 2.70
C ARG A 128 7.03 34.43 2.21
N ALA A 129 6.86 34.31 0.90
CA ALA A 129 5.54 34.23 0.30
C ALA A 129 4.79 33.06 0.92
N GLN A 130 3.60 33.33 1.41
CA GLN A 130 2.76 32.31 2.02
C GLN A 130 1.34 32.50 1.44
N PRO A 131 1.21 32.46 0.10
CA PRO A 131 -0.07 32.63 -0.61
C PRO A 131 -1.15 31.60 -0.28
N LEU A 132 -2.38 32.07 -0.16
CA LEU A 132 -3.51 31.21 0.21
C LEU A 132 -4.35 30.62 -0.93
N ALA A 133 -4.95 29.45 -0.68
CA ALA A 133 -5.83 28.84 -1.67
C ALA A 133 -7.15 29.60 -1.62
N ASP A 134 -7.81 29.72 -2.76
CA ASP A 134 -9.11 30.36 -2.82
C ASP A 134 -9.98 29.57 -1.82
N ILE A 135 -10.65 30.27 -0.90
CA ILE A 135 -11.48 29.60 0.09
C ILE A 135 -12.45 28.58 -0.49
N GLU A 136 -13.37 29.05 -1.32
CA GLU A 136 -14.37 28.19 -1.90
C GLU A 136 -13.74 26.94 -2.49
N GLU A 137 -12.60 27.10 -3.15
CA GLU A 137 -11.92 25.96 -3.75
C GLU A 137 -11.42 24.94 -2.75
N PHE A 138 -10.63 25.40 -1.77
CA PHE A 138 -10.09 24.52 -0.74
C PHE A 138 -11.20 23.75 -0.04
N ALA A 139 -12.36 24.38 0.09
CA ALA A 139 -13.49 23.73 0.74
C ALA A 139 -13.96 22.54 -0.10
N LEU A 140 -14.03 22.72 -1.41
CA LEU A 140 -14.46 21.63 -2.28
C LEU A 140 -13.45 20.49 -2.16
N LYS A 141 -12.17 20.84 -2.03
CA LYS A 141 -11.14 19.83 -1.88
C LYS A 141 -11.42 19.09 -0.56
N ILE A 142 -11.75 19.83 0.49
CA ILE A 142 -12.06 19.20 1.76
C ILE A 142 -13.24 18.23 1.55
N LYS A 143 -14.29 18.75 0.93
CA LYS A 143 -15.47 17.96 0.68
C LYS A 143 -15.19 16.76 -0.22
N ALA A 144 -14.39 16.95 -1.26
CA ALA A 144 -14.06 15.84 -2.14
C ALA A 144 -13.32 14.76 -1.37
N CYS A 145 -12.48 15.15 -0.39
CA CYS A 145 -11.75 14.15 0.41
C CYS A 145 -12.72 13.39 1.30
N LYS A 146 -13.61 14.12 1.95
CA LYS A 146 -14.60 13.53 2.84
C LYS A 146 -15.51 12.56 2.04
N ASP A 147 -16.00 13.02 0.89
CA ASP A 147 -16.87 12.21 0.02
C ASP A 147 -16.18 10.94 -0.47
N SER A 148 -14.88 11.04 -0.69
CA SER A 148 -14.11 9.91 -1.21
C SER A 148 -13.83 8.78 -0.22
N GLN A 149 -13.86 9.08 1.06
CA GLN A 149 -13.60 8.09 2.09
C GLN A 149 -14.45 6.85 1.98
N THR A 150 -13.90 5.72 2.42
CA THR A 150 -14.68 4.49 2.41
C THR A 150 -14.96 4.28 3.88
N ASP A 151 -13.97 4.55 4.71
CA ASP A 151 -14.07 4.41 6.18
C ASP A 151 -14.65 5.70 6.82
N PRO A 152 -15.90 5.64 7.28
CA PRO A 152 -16.55 6.80 7.92
C PRO A 152 -15.72 7.52 8.97
N ASP A 153 -14.97 6.78 9.79
CA ASP A 153 -14.14 7.36 10.85
C ASP A 153 -12.81 8.00 10.43
N PHE A 154 -12.44 7.90 9.15
CA PHE A 154 -11.19 8.51 8.72
C PHE A 154 -11.28 10.03 9.00
N CYS A 155 -10.20 10.65 9.42
CA CYS A 155 -10.25 12.09 9.70
C CYS A 155 -9.59 13.05 8.67
N ILE A 156 -10.29 14.13 8.35
CA ILE A 156 -9.74 15.14 7.45
C ILE A 156 -9.67 16.44 8.25
N VAL A 157 -8.46 16.91 8.55
CA VAL A 157 -8.28 18.15 9.31
C VAL A 157 -7.86 19.29 8.37
N ALA A 158 -8.59 20.41 8.42
CA ALA A 158 -8.30 21.58 7.59
C ALA A 158 -7.47 22.57 8.39
N ARG A 159 -6.39 23.04 7.77
CA ARG A 159 -5.47 23.97 8.40
C ARG A 159 -5.53 25.36 7.79
N VAL A 160 -5.87 26.34 8.63
CA VAL A 160 -5.99 27.74 8.22
C VAL A 160 -4.65 28.44 8.45
N GLU A 161 -3.96 28.75 7.38
CA GLU A 161 -2.65 29.41 7.46
C GLU A 161 -2.86 30.90 7.29
N ALA A 162 -4.05 31.37 7.65
CA ALA A 162 -4.38 32.79 7.51
C ALA A 162 -3.48 33.65 8.40
N PHE A 163 -3.44 33.34 9.70
CA PHE A 163 -2.59 34.08 10.62
C PHE A 163 -1.13 33.99 10.13
N ILE A 164 -0.72 32.79 9.76
CA ILE A 164 0.63 32.55 9.26
C ILE A 164 0.92 33.46 8.07
N ALA A 165 -0.05 33.55 7.16
CA ALA A 165 0.12 34.35 5.96
C ALA A 165 0.03 35.85 6.22
N GLY A 166 -0.03 36.22 7.48
CA GLY A 166 -0.08 37.63 7.82
C GLY A 166 -1.45 38.27 7.80
N TRP A 167 -2.49 37.51 7.46
CA TRP A 167 -3.83 38.10 7.44
C TRP A 167 -4.37 38.21 8.87
N GLY A 168 -5.62 38.66 8.98
CA GLY A 168 -6.21 38.85 10.30
C GLY A 168 -7.14 37.78 10.79
N LEU A 169 -7.90 38.12 11.82
CA LEU A 169 -8.84 37.19 12.43
C LEU A 169 -10.07 36.87 11.57
N ASP A 170 -10.65 37.90 10.95
CA ASP A 170 -11.82 37.73 10.10
C ASP A 170 -11.56 36.70 9.02
N GLU A 171 -10.38 36.79 8.42
CA GLU A 171 -9.94 35.88 7.39
C GLU A 171 -9.84 34.46 7.96
N ALA A 172 -9.08 34.29 9.03
CA ALA A 172 -8.92 32.98 9.65
C ALA A 172 -10.28 32.38 9.96
N LEU A 173 -11.11 33.16 10.63
CA LEU A 173 -12.43 32.72 11.04
C LEU A 173 -13.29 32.35 9.83
N LYS A 174 -13.18 33.15 8.78
CA LYS A 174 -13.94 32.90 7.58
C LYS A 174 -13.54 31.54 7.01
N ARG A 175 -12.24 31.32 6.82
CA ARG A 175 -11.73 30.06 6.27
C ARG A 175 -12.20 28.89 7.14
N ALA A 176 -11.93 28.96 8.44
CA ALA A 176 -12.32 27.88 9.35
C ALA A 176 -13.77 27.44 9.17
N GLU A 177 -14.68 28.40 9.19
CA GLU A 177 -16.11 28.17 9.02
C GLU A 177 -16.41 27.50 7.71
N ALA A 178 -15.75 27.97 6.65
CA ALA A 178 -15.94 27.42 5.32
C ALA A 178 -15.57 25.94 5.23
N TYR A 179 -14.43 25.58 5.81
CA TYR A 179 -13.95 24.20 5.76
C TYR A 179 -14.67 23.27 6.72
N ARG A 180 -15.12 23.80 7.86
CA ARG A 180 -15.85 23.00 8.83
C ARG A 180 -17.17 22.65 8.17
N ASN A 181 -17.79 23.63 7.53
CA ASN A 181 -19.04 23.40 6.84
C ASN A 181 -18.85 22.44 5.67
N ALA A 182 -17.63 22.42 5.13
CA ALA A 182 -17.32 21.54 4.01
C ALA A 182 -17.15 20.10 4.47
N GLY A 183 -17.24 19.87 5.78
CA GLY A 183 -17.13 18.53 6.29
C GLY A 183 -15.92 18.20 7.17
N ALA A 184 -14.89 19.06 7.17
CA ALA A 184 -13.70 18.82 7.98
C ALA A 184 -14.03 18.34 9.38
N ASP A 185 -13.17 17.47 9.92
CA ASP A 185 -13.35 16.89 11.25
C ASP A 185 -12.72 17.65 12.38
N ALA A 186 -12.09 18.76 12.05
CA ALA A 186 -11.43 19.58 13.03
C ALA A 186 -10.76 20.66 12.22
N ILE A 187 -10.51 21.81 12.85
CA ILE A 187 -9.84 22.89 12.15
C ILE A 187 -8.52 23.11 12.89
N LEU A 188 -7.44 23.20 12.13
CA LEU A 188 -6.14 23.43 12.73
C LEU A 188 -5.83 24.89 12.51
N MET A 189 -5.77 25.64 13.60
CA MET A 189 -5.46 27.06 13.52
C MET A 189 -4.01 27.22 13.85
N HIS A 190 -3.23 27.71 12.91
CA HIS A 190 -1.83 27.88 13.16
C HIS A 190 -1.44 29.34 13.32
N SER A 191 -0.24 29.56 13.84
CA SER A 191 0.29 30.89 14.07
C SER A 191 1.76 30.67 14.40
N LYS A 192 2.58 31.69 14.16
CA LYS A 192 3.97 31.54 14.50
C LYS A 192 4.31 32.50 15.62
N LYS A 193 3.34 33.31 16.05
CA LYS A 193 3.56 34.27 17.14
C LYS A 193 4.14 33.58 18.37
N ALA A 194 5.01 34.29 19.09
CA ALA A 194 5.65 33.72 20.27
C ALA A 194 4.67 33.66 21.43
N ASP A 195 3.48 34.21 21.22
CA ASP A 195 2.45 34.19 22.24
C ASP A 195 1.19 33.57 21.68
N PRO A 196 0.27 33.16 22.55
CA PRO A 196 -0.97 32.56 22.04
C PRO A 196 -2.05 33.53 21.58
N SER A 197 -1.68 34.80 21.38
CA SER A 197 -2.65 35.80 20.95
C SER A 197 -3.64 35.35 19.85
N ASP A 198 -3.11 34.89 18.71
CA ASP A 198 -3.96 34.45 17.62
C ASP A 198 -4.94 33.34 17.99
N ILE A 199 -4.46 32.34 18.73
CA ILE A 199 -5.32 31.25 19.14
C ILE A 199 -6.39 31.81 20.05
N GLU A 200 -5.99 32.61 21.03
CA GLU A 200 -6.93 33.20 21.97
C GLU A 200 -8.03 33.94 21.22
N ALA A 201 -7.62 34.61 20.14
CA ALA A 201 -8.50 35.40 19.27
C ALA A 201 -9.46 34.55 18.45
N PHE A 202 -8.94 33.50 17.83
CA PHE A 202 -9.78 32.64 17.03
C PHE A 202 -10.78 31.92 17.92
N MET A 203 -10.27 31.25 18.94
CA MET A 203 -11.11 30.51 19.86
C MET A 203 -12.25 31.36 20.44
N LYS A 204 -11.94 32.60 20.78
CA LYS A 204 -12.95 33.49 21.33
C LYS A 204 -14.06 33.66 20.29
N ALA A 205 -13.66 33.95 19.06
CA ALA A 205 -14.59 34.16 17.94
C ALA A 205 -15.22 32.89 17.35
N TRP A 206 -14.62 31.72 17.60
CA TRP A 206 -15.13 30.46 17.06
C TRP A 206 -16.46 29.94 17.65
N ASN A 207 -16.68 30.18 18.94
CA ASN A 207 -17.91 29.73 19.62
C ASN A 207 -18.16 28.23 19.37
N ASN A 208 -17.15 27.42 19.69
CA ASN A 208 -17.18 25.96 19.54
C ASN A 208 -17.96 25.39 18.34
N GLN A 209 -17.70 25.89 17.14
CA GLN A 209 -18.38 25.37 15.96
C GLN A 209 -17.80 23.99 15.61
N GLY A 210 -16.63 23.68 16.14
CA GLY A 210 -16.01 22.40 15.85
C GLY A 210 -14.70 22.19 16.59
N PRO A 211 -14.23 20.93 16.68
CA PRO A 211 -12.96 20.64 17.38
C PRO A 211 -11.84 21.44 16.73
N VAL A 212 -10.95 21.98 17.55
CA VAL A 212 -9.85 22.78 17.02
C VAL A 212 -8.52 22.15 17.39
N VAL A 213 -7.57 22.16 16.47
CA VAL A 213 -6.25 21.60 16.73
C VAL A 213 -5.24 22.73 16.66
N ILE A 214 -4.19 22.64 17.46
CA ILE A 214 -3.16 23.68 17.46
C ILE A 214 -1.75 23.11 17.50
N VAL A 215 -0.77 23.89 17.04
CA VAL A 215 0.65 23.50 17.02
C VAL A 215 1.41 24.58 17.79
N PRO A 216 1.58 24.39 19.10
CA PRO A 216 2.27 25.32 20.03
C PRO A 216 3.77 25.49 19.94
N THR A 217 4.37 25.10 18.82
CA THR A 217 5.83 25.20 18.65
C THR A 217 6.50 26.53 18.98
N LYS A 218 5.96 27.63 18.43
CA LYS A 218 6.50 28.97 18.64
C LYS A 218 6.11 29.65 19.96
N TYR A 219 5.01 29.23 20.57
CA TYR A 219 4.57 29.78 21.85
C TYR A 219 4.54 28.66 22.89
N TYR A 220 5.60 27.86 22.90
CA TYR A 220 5.73 26.72 23.82
C TYR A 220 5.69 27.06 25.30
N LYS A 221 6.02 28.30 25.62
CA LYS A 221 6.01 28.74 27.02
C LYS A 221 4.60 28.83 27.59
N THR A 222 3.59 28.91 26.72
CA THR A 222 2.20 29.02 27.16
C THR A 222 1.73 27.87 28.04
N PRO A 223 1.12 28.19 29.18
CA PRO A 223 0.63 27.13 30.07
C PRO A 223 -0.37 26.24 29.37
N THR A 224 -0.08 24.95 29.31
CA THR A 224 -0.97 23.99 28.67
C THR A 224 -2.43 24.11 29.15
N ASP A 225 -2.66 24.14 30.47
CA ASP A 225 -4.01 24.26 31.01
C ASP A 225 -4.77 25.42 30.35
N HIS A 226 -4.03 26.39 29.83
CA HIS A 226 -4.68 27.50 29.19
C HIS A 226 -5.39 27.05 27.90
N PHE A 227 -4.84 26.04 27.24
CA PHE A 227 -5.48 25.53 26.03
C PHE A 227 -6.80 24.88 26.44
N ARG A 228 -6.81 24.20 27.59
CA ARG A 228 -8.05 23.61 28.07
C ARG A 228 -9.03 24.73 28.41
N ASP A 229 -8.53 25.77 29.07
CA ASP A 229 -9.40 26.91 29.39
C ASP A 229 -10.12 27.40 28.13
N MET A 230 -9.38 27.53 27.03
CA MET A 230 -9.97 28.00 25.79
C MET A 230 -10.87 26.95 25.12
N GLY A 231 -10.67 25.69 25.48
CA GLY A 231 -11.47 24.63 24.87
C GLY A 231 -10.90 24.03 23.59
N VAL A 232 -9.58 23.90 23.52
CA VAL A 232 -8.92 23.29 22.37
C VAL A 232 -9.03 21.78 22.54
N SER A 233 -9.26 21.08 21.43
CA SER A 233 -9.42 19.64 21.51
C SER A 233 -8.16 18.84 21.44
N MET A 234 -7.16 19.39 20.79
CA MET A 234 -5.94 18.63 20.63
C MET A 234 -4.76 19.50 20.35
N VAL A 235 -3.66 19.13 21.00
CA VAL A 235 -2.41 19.81 20.84
C VAL A 235 -1.47 18.87 20.11
N ILE A 236 -0.63 19.46 19.26
CA ILE A 236 0.34 18.71 18.48
C ILE A 236 1.77 19.11 18.82
N TRP A 237 2.54 18.14 19.32
CA TRP A 237 3.94 18.33 19.64
C TRP A 237 4.55 17.98 18.28
N ALA A 238 4.74 19.02 17.48
CA ALA A 238 5.16 18.91 16.09
C ALA A 238 6.53 18.43 15.59
N ASN A 239 7.60 18.53 16.36
CA ASN A 239 8.88 18.14 15.78
C ASN A 239 10.00 17.89 16.76
N HIS A 240 9.69 17.58 18.00
CA HIS A 240 10.77 17.43 18.97
C HIS A 240 11.56 16.17 18.96
N ASN A 241 11.01 15.12 18.36
CA ASN A 241 11.75 13.87 18.29
C ASN A 241 12.78 14.03 17.18
N LEU A 242 12.38 14.75 16.15
CA LEU A 242 13.28 14.98 15.05
C LEU A 242 14.49 15.79 15.53
N ARG A 243 14.19 16.87 16.25
CA ARG A 243 15.20 17.79 16.77
C ARG A 243 16.13 17.15 17.81
N ALA A 244 15.56 16.30 18.66
CA ALA A 244 16.35 15.62 19.67
C ALA A 244 17.30 14.63 18.97
N SER A 245 16.76 13.96 17.96
CA SER A 245 17.51 12.98 17.19
C SER A 245 18.77 13.62 16.57
N VAL A 246 18.63 14.87 16.12
CA VAL A 246 19.77 15.57 15.54
C VAL A 246 20.83 15.82 16.61
N SER A 247 20.43 16.40 17.74
CA SER A 247 21.36 16.66 18.84
C SER A 247 22.20 15.42 19.14
N ALA A 248 21.50 14.32 19.42
CA ALA A 248 22.07 13.03 19.75
C ALA A 248 23.05 12.51 18.74
N ILE A 249 22.71 12.66 17.47
CA ILE A 249 23.54 12.17 16.37
C ILE A 249 24.70 13.11 16.15
N GLN A 250 24.44 14.40 16.25
CA GLN A 250 25.53 15.37 16.09
C GLN A 250 26.51 15.23 17.25
N GLN A 251 25.99 15.10 18.47
CA GLN A 251 26.87 14.96 19.61
C GLN A 251 27.61 13.64 19.53
N THR A 252 26.87 12.57 19.24
CA THR A 252 27.49 11.26 19.17
C THR A 252 28.50 11.16 18.07
N THR A 253 28.14 11.70 16.90
CA THR A 253 29.06 11.68 15.77
C THR A 253 30.30 12.50 16.10
N LYS A 254 30.12 13.65 16.75
CA LYS A 254 31.29 14.46 17.09
C LYS A 254 32.22 13.72 18.05
N GLN A 255 31.64 13.16 19.12
CA GLN A 255 32.40 12.43 20.13
C GLN A 255 33.20 11.27 19.55
N ILE A 256 32.56 10.47 18.71
CA ILE A 256 33.24 9.32 18.10
C ILE A 256 34.33 9.79 17.15
N TYR A 257 34.07 10.90 16.46
CA TYR A 257 35.03 11.46 15.53
C TYR A 257 36.30 11.84 16.31
N ASP A 258 36.12 12.70 17.31
CA ASP A 258 37.20 13.18 18.15
C ASP A 258 38.05 12.12 18.84
N ASP A 259 37.41 11.15 19.51
CA ASP A 259 38.15 10.09 20.22
C ASP A 259 38.59 8.90 19.41
N GLN A 260 38.00 8.73 18.22
CA GLN A 260 38.27 7.59 17.36
C GLN A 260 38.09 6.31 18.20
N SER A 261 37.12 6.38 19.11
CA SER A 261 36.81 5.26 19.98
C SER A 261 35.33 5.27 20.33
N LEU A 262 34.81 4.13 20.75
CA LEU A 262 33.39 4.07 21.12
C LEU A 262 33.23 4.20 22.62
N VAL A 263 34.36 4.18 23.33
CA VAL A 263 34.40 4.28 24.78
C VAL A 263 33.48 5.34 25.42
N ASN A 264 33.41 6.53 24.84
CA ASN A 264 32.59 7.59 25.40
C ASN A 264 31.13 7.69 24.94
N VAL A 265 30.64 6.71 24.20
CA VAL A 265 29.24 6.77 23.79
C VAL A 265 28.48 5.54 24.29
N GLU A 266 29.16 4.41 24.35
CA GLU A 266 28.56 3.16 24.75
C GLU A 266 27.57 3.23 25.92
N ASP A 267 27.88 4.04 26.92
CA ASP A 267 27.03 4.18 28.10
C ASP A 267 25.97 5.27 28.02
N LYS A 268 26.06 6.11 27.00
CA LYS A 268 25.11 7.20 26.84
C LYS A 268 23.99 6.86 25.84
N ILE A 269 24.21 5.82 25.06
CA ILE A 269 23.22 5.44 24.06
C ILE A 269 22.58 4.08 24.37
N VAL A 270 21.44 3.85 23.76
CA VAL A 270 20.72 2.62 23.97
C VAL A 270 21.53 1.38 23.51
N SER A 271 21.21 0.22 24.05
CA SER A 271 21.92 -0.99 23.69
C SER A 271 21.38 -1.64 22.41
N VAL A 272 22.22 -2.50 21.81
CA VAL A 272 21.90 -3.24 20.60
C VAL A 272 20.70 -4.13 20.86
N LYS A 273 20.59 -4.64 22.09
CA LYS A 273 19.46 -5.47 22.44
C LYS A 273 18.17 -4.65 22.53
N GLU A 274 18.28 -3.36 22.84
CA GLU A 274 17.10 -2.50 22.89
C GLU A 274 16.57 -2.26 21.46
N ILE A 275 17.48 -2.22 20.49
CA ILE A 275 17.08 -2.03 19.10
C ILE A 275 16.32 -3.28 18.65
N PHE A 276 16.95 -4.44 18.85
CA PHE A 276 16.33 -5.70 18.49
C PHE A 276 14.92 -5.78 19.07
N ARG A 277 14.74 -5.31 20.30
CA ARG A 277 13.44 -5.34 20.94
C ARG A 277 12.45 -4.36 20.28
N LEU A 278 12.94 -3.22 19.79
CA LEU A 278 12.05 -2.26 19.14
C LEU A 278 11.64 -2.72 17.75
N GLN A 279 12.37 -3.69 17.19
CA GLN A 279 12.04 -4.23 15.87
C GLN A 279 11.15 -5.46 16.08
N ARG A 280 11.00 -5.84 17.35
CA ARG A 280 10.22 -7.01 17.72
C ARG A 280 10.90 -8.25 17.15
N ASP A 281 12.20 -8.39 17.39
CA ASP A 281 12.94 -9.55 16.90
C ASP A 281 12.50 -10.83 17.58
N ASP A 282 11.95 -10.70 18.79
CA ASP A 282 11.49 -11.86 19.52
C ASP A 282 10.31 -12.50 18.81
N GLU A 283 9.47 -11.70 18.15
CA GLU A 283 8.33 -12.25 17.42
C GLU A 283 8.81 -13.10 16.26
N LEU A 284 9.90 -12.69 15.61
CA LEU A 284 10.41 -13.48 14.49
C LEU A 284 10.99 -14.76 15.03
N VAL A 285 11.69 -14.65 16.15
CA VAL A 285 12.28 -15.85 16.73
C VAL A 285 11.15 -16.85 17.03
N GLN A 286 10.06 -16.37 17.61
CA GLN A 286 8.92 -17.24 17.93
C GLN A 286 8.51 -17.94 16.64
N ALA A 287 8.23 -17.12 15.63
CA ALA A 287 7.81 -17.57 14.30
C ALA A 287 8.81 -18.49 13.61
N GLU A 288 10.10 -18.21 13.80
CA GLU A 288 11.15 -19.01 13.19
C GLU A 288 11.12 -20.41 13.77
N ASP A 289 10.97 -20.48 15.08
CA ASP A 289 10.92 -21.74 15.77
C ASP A 289 9.67 -22.51 15.34
N LYS A 290 8.62 -21.77 14.97
CA LYS A 290 7.36 -22.37 14.55
C LYS A 290 7.19 -22.77 13.08
N TYR A 291 7.86 -22.08 12.17
CA TYR A 291 7.69 -22.36 10.75
C TYR A 291 8.93 -22.83 9.99
N LEU A 292 10.01 -23.05 10.72
CA LEU A 292 11.24 -23.50 10.12
C LEU A 292 11.51 -24.92 10.55
N PRO A 293 11.79 -25.82 9.59
CA PRO A 293 12.06 -27.23 9.93
C PRO A 293 13.06 -27.27 11.09
N LYS A 294 12.64 -27.89 12.21
CA LYS A 294 13.46 -27.97 13.41
C LYS A 294 14.94 -28.30 13.19
N ASN A 295 15.23 -29.15 12.22
CA ASN A 295 16.60 -29.52 11.93
C ASN A 295 16.72 -30.29 10.62
N VAL B 5 -19.30 -8.09 -4.19
CA VAL B 5 -18.70 -8.79 -3.01
C VAL B 5 -17.18 -8.61 -2.87
N LYS B 6 -16.63 -9.05 -1.74
CA LYS B 6 -15.19 -8.93 -1.51
C LYS B 6 -14.36 -9.70 -2.53
N LYS B 7 -13.38 -9.03 -3.13
CA LYS B 7 -12.52 -9.67 -4.10
C LYS B 7 -12.03 -11.03 -3.62
N THR B 8 -11.48 -11.08 -2.39
CA THR B 8 -10.99 -12.34 -1.84
C THR B 8 -12.12 -13.38 -1.79
N THR B 9 -13.30 -12.96 -1.36
CA THR B 9 -14.44 -13.86 -1.31
C THR B 9 -14.76 -14.32 -2.73
N GLN B 10 -14.73 -13.38 -3.67
CA GLN B 10 -15.03 -13.68 -5.06
C GLN B 10 -14.15 -14.81 -5.51
N LEU B 11 -12.86 -14.69 -5.24
CA LEU B 11 -11.87 -15.69 -5.62
C LEU B 11 -11.94 -17.00 -4.84
N LYS B 12 -12.22 -16.96 -3.55
CA LYS B 12 -12.30 -18.21 -2.80
C LYS B 12 -13.47 -19.01 -3.34
N GLN B 13 -14.58 -18.32 -3.60
CA GLN B 13 -15.78 -18.91 -4.18
C GLN B 13 -15.49 -19.62 -5.51
N MET B 14 -14.58 -19.06 -6.29
CA MET B 14 -14.20 -19.64 -7.57
C MET B 14 -13.36 -20.89 -7.40
N LEU B 15 -12.44 -20.85 -6.44
CA LEU B 15 -11.60 -22.01 -6.22
C LEU B 15 -12.43 -23.15 -5.64
N ASN B 16 -13.49 -22.82 -4.91
CA ASN B 16 -14.31 -23.87 -4.32
C ASN B 16 -15.53 -24.28 -5.13
N SER B 17 -15.78 -23.61 -6.23
CA SER B 17 -16.93 -23.97 -7.05
C SER B 17 -16.70 -25.36 -7.66
N LYS B 18 -17.80 -26.08 -7.92
CA LYS B 18 -17.68 -27.40 -8.54
C LYS B 18 -17.62 -27.15 -10.04
N ASP B 19 -17.56 -25.88 -10.41
CA ASP B 19 -17.49 -25.51 -11.81
C ASP B 19 -16.09 -25.09 -12.22
N LEU B 20 -15.75 -25.41 -13.48
CA LEU B 20 -14.47 -25.06 -14.04
C LEU B 20 -14.49 -23.54 -14.28
N GLU B 21 -13.71 -22.84 -13.47
CA GLU B 21 -13.63 -21.39 -13.56
C GLU B 21 -12.39 -21.00 -14.36
N PHE B 22 -12.40 -19.78 -14.89
CA PHE B 22 -11.28 -19.29 -15.67
C PHE B 22 -10.82 -17.91 -15.21
N ILE B 23 -9.51 -17.70 -15.20
CA ILE B 23 -8.98 -16.40 -14.84
C ILE B 23 -7.97 -16.08 -15.92
N MET B 24 -8.06 -14.88 -16.47
CA MET B 24 -7.20 -14.41 -17.54
C MET B 24 -5.98 -13.62 -17.04
N GLU B 25 -4.86 -13.71 -17.75
CA GLU B 25 -3.66 -13.00 -17.37
C GLU B 25 -3.71 -11.52 -17.69
N ALA B 26 -3.18 -10.72 -16.79
CA ALA B 26 -3.11 -9.28 -16.99
C ALA B 26 -1.73 -8.92 -16.43
N HIS B 27 -1.16 -7.81 -16.87
CA HIS B 27 0.16 -7.47 -16.38
C HIS B 27 0.40 -6.01 -15.97
N ASN B 28 -0.65 -5.21 -16.03
CA ASN B 28 -0.59 -3.81 -15.64
C ASN B 28 -2.02 -3.34 -15.45
N GLY B 29 -2.19 -2.15 -14.87
CA GLY B 29 -3.52 -1.63 -14.61
C GLY B 29 -4.46 -1.70 -15.80
N LEU B 30 -3.99 -1.24 -16.96
CA LEU B 30 -4.77 -1.20 -18.18
C LEU B 30 -5.30 -2.56 -18.66
N SER B 31 -4.44 -3.57 -18.72
CA SER B 31 -4.89 -4.87 -19.19
C SER B 31 -5.82 -5.50 -18.17
N ALA B 32 -5.60 -5.18 -16.89
CA ALA B 32 -6.46 -5.73 -15.84
C ALA B 32 -7.87 -5.18 -16.00
N ARG B 33 -8.01 -3.92 -16.42
CA ARG B 33 -9.34 -3.31 -16.61
C ARG B 33 -10.01 -3.90 -17.83
N ILE B 34 -9.20 -4.20 -18.85
CA ILE B 34 -9.71 -4.80 -20.07
C ILE B 34 -10.25 -6.19 -19.70
N VAL B 35 -9.42 -7.03 -19.08
CA VAL B 35 -9.86 -8.36 -18.66
C VAL B 35 -11.18 -8.25 -17.93
N GLN B 36 -11.26 -7.32 -16.98
CA GLN B 36 -12.47 -7.11 -16.20
C GLN B 36 -13.70 -6.87 -17.08
N GLU B 37 -13.58 -5.90 -17.97
CA GLU B 37 -14.69 -5.54 -18.87
C GLU B 37 -15.07 -6.66 -19.83
N ALA B 38 -14.09 -7.50 -20.22
CA ALA B 38 -14.34 -8.60 -21.14
C ALA B 38 -15.28 -9.60 -20.53
N GLY B 39 -15.34 -9.66 -19.22
CA GLY B 39 -16.24 -10.59 -18.57
C GLY B 39 -15.59 -11.52 -17.58
N PHE B 40 -14.27 -11.71 -17.71
CA PHE B 40 -13.57 -12.59 -16.80
C PHE B 40 -13.88 -12.30 -15.36
N LYS B 41 -13.97 -13.36 -14.57
CA LYS B 41 -14.27 -13.26 -13.15
C LYS B 41 -13.01 -13.13 -12.31
N GLY B 42 -11.86 -13.38 -12.92
CA GLY B 42 -10.60 -13.29 -12.19
C GLY B 42 -9.45 -13.00 -13.12
N ILE B 43 -8.34 -12.53 -12.54
CA ILE B 43 -7.16 -12.17 -13.27
C ILE B 43 -5.98 -12.94 -12.70
N TRP B 44 -5.10 -13.42 -13.56
CA TRP B 44 -3.89 -14.11 -13.12
C TRP B 44 -2.73 -13.13 -13.21
N GLY B 45 -2.18 -12.79 -12.06
CA GLY B 45 -1.08 -11.85 -12.00
C GLY B 45 0.16 -12.64 -12.33
N SER B 46 0.44 -12.71 -13.63
CA SER B 46 1.58 -13.46 -14.17
C SER B 46 2.93 -12.81 -13.87
N GLY B 47 3.76 -13.56 -13.14
CA GLY B 47 5.08 -13.08 -12.80
C GLY B 47 5.86 -12.87 -14.09
N LEU B 48 5.70 -13.80 -15.02
CA LEU B 48 6.41 -13.72 -16.29
C LEU B 48 6.02 -12.47 -17.05
N SER B 49 4.72 -12.23 -17.14
CA SER B 49 4.23 -11.09 -17.88
C SER B 49 4.57 -9.78 -17.19
N VAL B 50 4.41 -9.76 -15.87
CA VAL B 50 4.71 -8.57 -15.09
C VAL B 50 6.18 -8.22 -15.24
N SER B 51 7.05 -9.23 -15.15
CA SER B 51 8.48 -8.99 -15.31
C SER B 51 8.79 -8.57 -16.75
N ALA B 52 8.06 -9.15 -17.69
CA ALA B 52 8.26 -8.88 -19.10
C ALA B 52 7.85 -7.46 -19.51
N GLN B 53 6.79 -6.91 -18.90
CA GLN B 53 6.40 -5.55 -19.26
C GLN B 53 7.48 -4.58 -18.72
N LEU B 54 8.12 -4.94 -17.63
CA LEU B 54 9.18 -4.12 -17.02
C LEU B 54 10.47 -4.21 -17.83
N GLY B 55 10.51 -5.15 -18.77
CA GLY B 55 11.68 -5.30 -19.58
C GLY B 55 12.74 -6.12 -18.87
N VAL B 56 12.37 -6.81 -17.79
CA VAL B 56 13.31 -7.63 -17.03
C VAL B 56 12.91 -9.13 -17.11
N ARG B 57 13.76 -10.03 -16.60
CA ARG B 57 13.54 -11.47 -16.63
C ARG B 57 12.71 -12.01 -15.48
N ASP B 58 12.02 -13.12 -15.72
CA ASP B 58 11.17 -13.76 -14.72
C ASP B 58 12.15 -14.49 -13.81
N SER B 59 13.00 -13.73 -13.15
CA SER B 59 14.03 -14.30 -12.28
C SER B 59 14.22 -13.58 -10.96
N ASN B 60 13.13 -13.00 -10.45
CA ASN B 60 13.17 -12.27 -9.20
C ASN B 60 14.22 -11.17 -9.25
N GLU B 61 14.32 -10.46 -10.38
CA GLU B 61 15.26 -9.35 -10.51
C GLU B 61 14.55 -8.11 -9.96
N ALA B 62 13.29 -7.92 -10.35
CA ALA B 62 12.51 -6.80 -9.82
C ALA B 62 12.17 -7.16 -8.37
N SER B 63 12.39 -6.22 -7.46
CA SER B 63 12.12 -6.47 -6.06
C SER B 63 10.68 -6.89 -5.85
N TRP B 64 10.39 -7.57 -4.74
CA TRP B 64 9.03 -7.99 -4.50
C TRP B 64 8.12 -6.79 -4.28
N THR B 65 8.62 -5.66 -3.81
CA THR B 65 7.71 -4.50 -3.64
C THR B 65 7.35 -3.87 -5.01
N GLN B 66 8.29 -3.88 -5.96
CA GLN B 66 8.03 -3.34 -7.31
C GLN B 66 6.91 -4.15 -7.98
N VAL B 67 6.90 -5.46 -7.73
CA VAL B 67 5.86 -6.31 -8.27
C VAL B 67 4.56 -5.92 -7.56
N VAL B 68 4.65 -5.68 -6.26
CA VAL B 68 3.47 -5.31 -5.48
C VAL B 68 2.81 -4.03 -5.95
N GLU B 69 3.62 -3.04 -6.29
CA GLU B 69 3.11 -1.77 -6.76
C GLU B 69 2.41 -1.94 -8.10
N VAL B 70 2.99 -2.78 -8.95
CA VAL B 70 2.43 -3.04 -10.26
C VAL B 70 1.04 -3.62 -10.06
N LEU B 71 0.96 -4.56 -9.13
CA LEU B 71 -0.31 -5.18 -8.84
C LEU B 71 -1.27 -4.23 -8.11
N GLU B 72 -0.72 -3.23 -7.44
CA GLU B 72 -1.55 -2.26 -6.74
C GLU B 72 -2.30 -1.46 -7.80
N PHE B 73 -1.59 -0.96 -8.80
CA PHE B 73 -2.26 -0.23 -9.88
C PHE B 73 -3.28 -1.17 -10.51
N MET B 74 -2.94 -2.46 -10.60
CA MET B 74 -3.85 -3.42 -11.19
C MET B 74 -5.12 -3.65 -10.36
N SER B 75 -4.95 -3.80 -9.05
CA SER B 75 -6.10 -4.01 -8.18
C SER B 75 -6.97 -2.76 -8.21
N ASP B 76 -6.34 -1.59 -8.16
CA ASP B 76 -7.05 -0.34 -8.21
C ASP B 76 -7.94 -0.24 -9.45
N ALA B 77 -7.49 -0.80 -10.55
CA ALA B 77 -8.25 -0.72 -11.80
C ALA B 77 -9.26 -1.84 -12.11
N SER B 78 -9.60 -2.66 -11.11
CA SER B 78 -10.54 -3.78 -11.34
C SER B 78 -11.41 -4.15 -10.16
N ASP B 79 -12.62 -4.65 -10.42
CA ASP B 79 -13.54 -5.06 -9.35
C ASP B 79 -13.52 -6.58 -9.14
N VAL B 80 -12.80 -7.30 -10.00
CA VAL B 80 -12.71 -8.74 -9.88
C VAL B 80 -11.40 -9.07 -9.18
N PRO B 81 -11.26 -10.33 -8.72
CA PRO B 81 -10.02 -10.69 -8.05
C PRO B 81 -8.81 -10.92 -8.94
N ILE B 82 -7.65 -10.82 -8.31
CA ILE B 82 -6.38 -11.01 -8.94
C ILE B 82 -5.62 -11.96 -8.05
N LEU B 83 -5.17 -13.05 -8.64
CA LEU B 83 -4.37 -14.02 -7.92
C LEU B 83 -2.97 -13.67 -8.38
N LEU B 84 -2.14 -13.20 -7.46
CA LEU B 84 -0.76 -12.86 -7.81
C LEU B 84 0.14 -14.09 -7.87
N ASP B 85 0.90 -14.21 -8.95
CA ASP B 85 1.85 -15.29 -9.08
C ASP B 85 3.10 -14.77 -8.36
N ALA B 86 3.19 -15.07 -7.07
CA ALA B 86 4.31 -14.61 -6.25
C ALA B 86 5.53 -15.51 -6.23
N ASP B 87 5.81 -16.18 -7.35
CA ASP B 87 6.96 -17.08 -7.46
C ASP B 87 7.09 -17.94 -6.19
N THR B 88 8.28 -18.02 -5.59
CA THR B 88 8.40 -18.85 -4.41
C THR B 88 8.08 -18.11 -3.12
N GLY B 89 7.61 -16.87 -3.26
CA GLY B 89 7.30 -16.09 -2.07
C GLY B 89 8.32 -14.99 -1.81
N TYR B 90 9.39 -15.00 -2.60
CA TYR B 90 10.46 -14.00 -2.51
C TYR B 90 11.34 -14.14 -1.26
N GLY B 91 11.44 -15.37 -0.73
CA GLY B 91 12.26 -15.58 0.45
C GLY B 91 11.80 -16.76 1.28
N ASN B 92 11.92 -16.66 2.61
CA ASN B 92 11.49 -17.75 3.48
C ASN B 92 10.07 -17.45 3.93
N PHE B 93 9.54 -18.19 4.90
CA PHE B 93 8.17 -17.96 5.35
C PHE B 93 7.96 -16.52 5.75
N ASN B 94 8.95 -15.93 6.42
CA ASN B 94 8.82 -14.56 6.87
C ASN B 94 8.55 -13.58 5.75
N ASN B 95 9.29 -13.73 4.65
CA ASN B 95 9.12 -12.87 3.48
C ASN B 95 7.76 -13.17 2.88
N ALA B 96 7.33 -14.43 2.94
CA ALA B 96 6.03 -14.75 2.38
C ALA B 96 4.91 -14.08 3.17
N ARG B 97 4.96 -14.17 4.50
CA ARG B 97 3.90 -13.58 5.27
C ARG B 97 3.92 -12.05 5.18
N ARG B 98 5.09 -11.46 4.96
CA ARG B 98 5.11 -10.01 4.82
C ARG B 98 4.35 -9.71 3.53
N LEU B 99 4.57 -10.55 2.53
CA LEU B 99 3.88 -10.39 1.26
C LEU B 99 2.35 -10.46 1.41
N VAL B 100 1.86 -11.52 2.06
CA VAL B 100 0.42 -11.71 2.24
C VAL B 100 -0.27 -10.48 2.86
N ARG B 101 0.36 -9.88 3.86
CA ARG B 101 -0.24 -8.72 4.48
C ARG B 101 -0.37 -7.58 3.47
N LYS B 102 0.75 -7.19 2.86
CA LYS B 102 0.73 -6.11 1.89
C LYS B 102 -0.30 -6.36 0.80
N LEU B 103 -0.25 -7.56 0.22
CA LEU B 103 -1.19 -7.94 -0.84
C LEU B 103 -2.61 -7.72 -0.34
N GLU B 104 -2.88 -8.13 0.90
CA GLU B 104 -4.20 -7.94 1.46
C GLU B 104 -4.55 -6.45 1.37
N ASP B 105 -3.79 -5.61 2.07
CA ASP B 105 -4.06 -4.18 2.09
C ASP B 105 -4.22 -3.50 0.74
N ARG B 106 -3.56 -4.05 -0.29
CA ARG B 106 -3.59 -3.49 -1.65
C ARG B 106 -4.85 -3.96 -2.38
N GLY B 107 -5.62 -4.84 -1.73
CA GLY B 107 -6.84 -5.32 -2.33
C GLY B 107 -6.72 -6.54 -3.22
N VAL B 108 -5.54 -7.17 -3.22
CA VAL B 108 -5.32 -8.34 -4.03
C VAL B 108 -6.07 -9.47 -3.33
N ALA B 109 -6.52 -10.46 -4.09
CA ALA B 109 -7.34 -11.55 -3.51
C ALA B 109 -6.60 -12.79 -3.03
N GLY B 110 -5.46 -13.10 -3.66
CA GLY B 110 -4.70 -14.27 -3.24
C GLY B 110 -3.27 -14.35 -3.77
N ALA B 111 -2.54 -15.32 -3.26
CA ALA B 111 -1.18 -15.53 -3.69
C ALA B 111 -0.95 -17.00 -3.94
N CYS B 112 -0.30 -17.28 -5.07
CA CYS B 112 0.08 -18.62 -5.45
C CYS B 112 1.59 -18.69 -5.24
N LEU B 113 2.05 -19.58 -4.37
CA LEU B 113 3.48 -19.71 -4.14
C LEU B 113 3.98 -21.05 -4.72
N GLU B 114 5.17 -21.07 -5.29
CA GLU B 114 5.70 -22.30 -5.88
C GLU B 114 6.88 -22.84 -5.10
N ASP B 115 7.00 -24.16 -5.08
CA ASP B 115 8.04 -24.82 -4.31
C ASP B 115 9.43 -24.96 -4.94
N LYS B 116 10.00 -23.84 -5.37
CA LYS B 116 11.33 -23.85 -5.93
C LYS B 116 12.15 -22.89 -5.06
N LEU B 117 13.43 -22.68 -5.36
CA LEU B 117 14.24 -21.79 -4.53
C LEU B 117 14.41 -20.37 -5.06
N PHE B 118 14.62 -19.43 -4.15
CA PHE B 118 14.81 -18.00 -4.49
C PHE B 118 16.29 -17.75 -4.83
N PRO B 119 16.57 -17.14 -6.00
CA PRO B 119 15.62 -16.66 -7.00
C PRO B 119 15.19 -17.80 -7.94
N LYS B 120 13.93 -17.78 -8.36
CA LYS B 120 13.38 -18.81 -9.24
C LYS B 120 13.78 -18.71 -10.75
N THR B 121 13.35 -19.70 -11.52
CA THR B 121 13.59 -19.74 -12.97
C THR B 121 12.27 -20.11 -13.61
N ASN B 122 11.86 -19.39 -14.64
CA ASN B 122 10.60 -19.66 -15.32
C ASN B 122 10.43 -21.16 -15.59
N SER B 123 9.18 -21.64 -15.58
CA SER B 123 8.93 -23.07 -15.79
C SER B 123 8.98 -23.60 -17.21
N LEU B 124 8.55 -22.79 -18.18
CA LEU B 124 8.53 -23.25 -19.55
C LEU B 124 9.91 -23.49 -20.13
N HIS B 125 10.95 -23.10 -19.40
CA HIS B 125 12.32 -23.31 -19.88
C HIS B 125 12.72 -24.79 -19.93
N ASP B 126 13.60 -25.15 -20.87
CA ASP B 126 14.07 -26.53 -20.98
C ASP B 126 15.56 -26.61 -20.68
N GLY B 127 15.96 -27.65 -19.95
CA GLY B 127 17.36 -27.81 -19.63
C GLY B 127 17.80 -27.01 -18.42
N ARG B 128 17.06 -25.97 -18.09
CA ARG B 128 17.39 -25.14 -16.95
C ARG B 128 17.12 -25.93 -15.67
N ALA B 129 18.01 -25.78 -14.70
CA ALA B 129 17.87 -26.48 -13.44
C ALA B 129 16.69 -25.95 -12.63
N GLN B 130 15.85 -26.85 -12.14
CA GLN B 130 14.69 -26.47 -11.35
C GLN B 130 14.75 -27.16 -9.98
N PRO B 131 15.44 -26.55 -9.02
CA PRO B 131 15.59 -27.09 -7.65
C PRO B 131 14.27 -27.02 -6.87
N LEU B 132 13.92 -28.10 -6.16
CA LEU B 132 12.70 -28.10 -5.39
C LEU B 132 12.99 -27.77 -3.94
N ALA B 133 12.05 -27.10 -3.29
CA ALA B 133 12.21 -26.75 -1.89
C ALA B 133 11.96 -27.98 -1.04
N ASP B 134 12.40 -27.97 0.20
CA ASP B 134 12.12 -29.09 1.07
C ASP B 134 10.61 -29.02 1.28
N ILE B 135 9.95 -30.18 1.25
CA ILE B 135 8.51 -30.26 1.41
C ILE B 135 7.96 -29.68 2.72
N GLU B 136 8.57 -30.04 3.84
CA GLU B 136 8.11 -29.55 5.13
C GLU B 136 8.31 -28.04 5.17
N GLU B 137 9.50 -27.59 4.81
CA GLU B 137 9.79 -26.16 4.79
C GLU B 137 8.71 -25.44 3.97
N PHE B 138 8.54 -25.82 2.72
CA PHE B 138 7.52 -25.17 1.91
C PHE B 138 6.13 -25.29 2.51
N ALA B 139 5.82 -26.44 3.09
CA ALA B 139 4.51 -26.67 3.70
C ALA B 139 4.36 -25.76 4.91
N LEU B 140 5.43 -25.64 5.68
CA LEU B 140 5.42 -24.76 6.85
C LEU B 140 5.25 -23.31 6.41
N LYS B 141 5.74 -22.98 5.20
CA LYS B 141 5.65 -21.64 4.66
C LYS B 141 4.20 -21.37 4.30
N ILE B 142 3.51 -22.38 3.80
CA ILE B 142 2.08 -22.24 3.46
C ILE B 142 1.23 -21.97 4.70
N LYS B 143 1.53 -22.71 5.78
CA LYS B 143 0.83 -22.58 7.04
C LYS B 143 1.00 -21.15 7.53
N ALA B 144 2.26 -20.72 7.58
CA ALA B 144 2.61 -19.37 8.00
C ALA B 144 1.75 -18.34 7.26
N CYS B 145 1.62 -18.47 5.95
CA CYS B 145 0.81 -17.50 5.23
C CYS B 145 -0.64 -17.58 5.72
N LYS B 146 -1.17 -18.79 5.80
CA LYS B 146 -2.55 -18.98 6.24
C LYS B 146 -2.78 -18.42 7.64
N ASP B 147 -1.77 -18.57 8.52
CA ASP B 147 -1.86 -18.08 9.88
C ASP B 147 -1.75 -16.55 9.94
N SER B 148 -1.05 -15.97 8.97
CA SER B 148 -0.83 -14.52 8.97
C SER B 148 -1.91 -13.67 8.39
N GLN B 149 -2.69 -14.20 7.44
CA GLN B 149 -3.74 -13.40 6.82
C GLN B 149 -4.69 -12.85 7.87
N THR B 150 -5.30 -11.71 7.57
CA THR B 150 -6.22 -11.08 8.52
C THR B 150 -7.63 -11.07 7.95
N ASP B 151 -7.73 -11.48 6.68
CA ASP B 151 -9.00 -11.58 5.94
C ASP B 151 -9.08 -13.07 5.64
N PRO B 152 -9.89 -13.80 6.41
CA PRO B 152 -10.07 -15.24 6.24
C PRO B 152 -10.36 -15.75 4.83
N ASP B 153 -10.80 -14.86 3.95
CA ASP B 153 -11.10 -15.28 2.57
C ASP B 153 -9.94 -15.15 1.60
N PHE B 154 -8.91 -14.41 1.98
CA PHE B 154 -7.74 -14.28 1.13
C PHE B 154 -7.27 -15.71 0.92
N CYS B 155 -7.03 -16.10 -0.34
CA CYS B 155 -6.61 -17.46 -0.71
C CYS B 155 -5.13 -17.65 -0.99
N ILE B 156 -4.59 -18.71 -0.40
CA ILE B 156 -3.19 -19.05 -0.61
C ILE B 156 -3.18 -20.30 -1.50
N VAL B 157 -2.75 -20.14 -2.74
CA VAL B 157 -2.68 -21.27 -3.63
C VAL B 157 -1.24 -21.77 -3.63
N ALA B 158 -1.08 -23.08 -3.37
CA ALA B 158 0.22 -23.72 -3.36
C ALA B 158 0.46 -24.35 -4.74
N ARG B 159 1.63 -24.09 -5.31
CA ARG B 159 1.94 -24.60 -6.64
C ARG B 159 3.07 -25.61 -6.67
N VAL B 160 2.76 -26.79 -7.21
CA VAL B 160 3.69 -27.89 -7.30
C VAL B 160 4.48 -27.88 -8.61
N GLU B 161 5.81 -27.87 -8.49
CA GLU B 161 6.65 -27.85 -9.67
C GLU B 161 7.35 -29.17 -9.91
N ALA B 162 6.97 -30.19 -9.15
CA ALA B 162 7.56 -31.50 -9.28
C ALA B 162 7.70 -31.96 -10.73
N PHE B 163 6.68 -31.81 -11.56
CA PHE B 163 6.77 -32.25 -12.96
C PHE B 163 7.72 -31.39 -13.78
N ILE B 164 7.54 -30.08 -13.65
CA ILE B 164 8.35 -29.12 -14.36
C ILE B 164 9.81 -29.46 -14.12
N ALA B 165 10.11 -29.85 -12.88
CA ALA B 165 11.47 -30.21 -12.47
C ALA B 165 11.94 -31.52 -13.12
N GLY B 166 11.00 -32.39 -13.50
CA GLY B 166 11.40 -33.64 -14.11
C GLY B 166 11.15 -34.86 -13.27
N TRP B 167 10.48 -34.70 -12.14
CA TRP B 167 10.19 -35.86 -11.30
C TRP B 167 8.81 -36.41 -11.66
N GLY B 168 8.40 -37.49 -10.99
CA GLY B 168 7.13 -38.12 -11.32
C GLY B 168 5.88 -37.90 -10.49
N LEU B 169 4.79 -38.52 -10.96
CA LEU B 169 3.49 -38.44 -10.31
C LEU B 169 3.59 -38.69 -8.83
N ASP B 170 4.35 -39.72 -8.47
CA ASP B 170 4.52 -40.05 -7.07
C ASP B 170 5.05 -38.83 -6.29
N GLU B 171 5.98 -38.08 -6.88
CA GLU B 171 6.53 -36.90 -6.20
C GLU B 171 5.54 -35.73 -6.10
N ALA B 172 4.75 -35.54 -7.15
CA ALA B 172 3.77 -34.45 -7.19
C ALA B 172 2.67 -34.62 -6.16
N LEU B 173 2.16 -35.83 -6.07
CA LEU B 173 1.09 -36.15 -5.13
C LEU B 173 1.55 -35.86 -3.70
N LYS B 174 2.72 -36.38 -3.34
CA LYS B 174 3.27 -36.19 -1.99
C LYS B 174 3.39 -34.71 -1.66
N ARG B 175 3.94 -33.92 -2.58
CA ARG B 175 4.06 -32.50 -2.33
C ARG B 175 2.69 -31.84 -2.25
N ALA B 176 1.80 -32.16 -3.20
CA ALA B 176 0.47 -31.58 -3.21
C ALA B 176 -0.32 -31.91 -1.93
N GLU B 177 -0.23 -33.17 -1.47
CA GLU B 177 -0.94 -33.56 -0.25
C GLU B 177 -0.40 -32.77 0.94
N ALA B 178 0.92 -32.67 1.03
CA ALA B 178 1.57 -31.95 2.13
C ALA B 178 1.14 -30.49 2.20
N TYR B 179 1.18 -29.79 1.08
CA TYR B 179 0.81 -28.38 1.04
C TYR B 179 -0.66 -28.19 1.34
N ARG B 180 -1.52 -29.10 0.85
CA ARG B 180 -2.96 -28.99 1.10
C ARG B 180 -3.28 -29.15 2.59
N ASN B 181 -2.63 -30.12 3.24
CA ASN B 181 -2.84 -30.35 4.67
C ASN B 181 -2.28 -29.18 5.46
N ALA B 182 -1.37 -28.42 4.84
CA ALA B 182 -0.78 -27.28 5.53
C ALA B 182 -1.75 -26.10 5.55
N GLY B 183 -2.79 -26.17 4.72
CA GLY B 183 -3.76 -25.11 4.67
C GLY B 183 -3.94 -24.40 3.34
N ALA B 184 -3.33 -24.92 2.28
CA ALA B 184 -3.48 -24.31 0.97
C ALA B 184 -4.96 -24.34 0.62
N ASP B 185 -5.43 -23.33 -0.11
CA ASP B 185 -6.84 -23.24 -0.49
C ASP B 185 -7.07 -23.96 -1.77
N ALA B 186 -5.98 -24.22 -2.46
CA ALA B 186 -6.01 -24.92 -3.73
C ALA B 186 -4.57 -25.33 -4.09
N ILE B 187 -4.46 -26.35 -4.94
CA ILE B 187 -3.19 -26.84 -5.39
C ILE B 187 -3.09 -26.57 -6.90
N LEU B 188 -1.95 -26.05 -7.34
CA LEU B 188 -1.75 -25.79 -8.76
C LEU B 188 -0.69 -26.80 -9.21
N MET B 189 -1.12 -27.67 -10.12
CA MET B 189 -0.23 -28.70 -10.64
C MET B 189 0.25 -28.23 -11.98
N HIS B 190 1.53 -27.87 -12.08
CA HIS B 190 1.98 -27.40 -13.37
C HIS B 190 2.57 -28.52 -14.21
N SER B 191 2.70 -28.26 -15.50
CA SER B 191 3.21 -29.23 -16.44
C SER B 191 3.54 -28.50 -17.75
N LYS B 192 4.71 -28.79 -18.33
CA LYS B 192 5.12 -28.18 -19.58
C LYS B 192 5.03 -29.19 -20.73
N LYS B 193 4.41 -30.33 -20.43
CA LYS B 193 4.21 -31.40 -21.39
C LYS B 193 3.28 -30.98 -22.52
N ALA B 194 3.37 -31.73 -23.62
CA ALA B 194 2.58 -31.52 -24.82
C ALA B 194 1.11 -31.95 -24.67
N ASP B 195 0.85 -32.85 -23.73
CA ASP B 195 -0.51 -33.32 -23.48
C ASP B 195 -0.86 -33.22 -22.00
N PRO B 196 -2.13 -33.49 -21.63
CA PRO B 196 -2.51 -33.40 -20.22
C PRO B 196 -2.17 -34.61 -19.36
N SER B 197 -1.27 -35.46 -19.82
CA SER B 197 -0.92 -36.65 -19.06
C SER B 197 -0.57 -36.39 -17.60
N ASP B 198 0.26 -35.38 -17.35
CA ASP B 198 0.65 -35.10 -15.97
C ASP B 198 -0.57 -34.75 -15.14
N ILE B 199 -1.43 -33.88 -15.67
CA ILE B 199 -2.65 -33.46 -14.97
C ILE B 199 -3.60 -34.65 -14.78
N GLU B 200 -3.71 -35.48 -15.82
CA GLU B 200 -4.57 -36.67 -15.77
C GLU B 200 -4.16 -37.55 -14.59
N ALA B 201 -2.92 -38.00 -14.64
CA ALA B 201 -2.32 -38.85 -13.62
C ALA B 201 -2.52 -38.31 -12.22
N PHE B 202 -2.42 -37.00 -12.08
CA PHE B 202 -2.58 -36.36 -10.78
C PHE B 202 -4.05 -36.26 -10.41
N MET B 203 -4.87 -35.71 -11.30
CA MET B 203 -6.28 -35.57 -10.96
C MET B 203 -6.86 -36.91 -10.52
N LYS B 204 -6.47 -37.96 -11.24
CA LYS B 204 -6.92 -39.32 -10.95
C LYS B 204 -6.55 -39.80 -9.54
N ALA B 205 -5.31 -39.55 -9.12
CA ALA B 205 -4.84 -39.96 -7.80
C ALA B 205 -5.28 -39.01 -6.69
N TRP B 206 -5.46 -37.74 -7.03
CA TRP B 206 -5.86 -36.71 -6.07
C TRP B 206 -7.11 -37.06 -5.27
N ASN B 207 -8.09 -37.69 -5.91
CA ASN B 207 -9.35 -38.05 -5.25
C ASN B 207 -10.08 -36.83 -4.72
N ASN B 208 -9.95 -35.73 -5.45
CA ASN B 208 -10.60 -34.50 -5.07
C ASN B 208 -10.44 -34.15 -3.60
N GLN B 209 -9.20 -34.13 -3.11
CA GLN B 209 -8.95 -33.75 -1.73
C GLN B 209 -9.22 -32.26 -1.60
N GLY B 210 -8.76 -31.50 -2.61
CA GLY B 210 -8.97 -30.06 -2.62
C GLY B 210 -9.03 -29.51 -4.02
N PRO B 211 -9.40 -28.23 -4.19
CA PRO B 211 -9.51 -27.61 -5.52
C PRO B 211 -8.16 -27.66 -6.22
N VAL B 212 -8.18 -27.97 -7.51
CA VAL B 212 -6.93 -28.05 -8.25
C VAL B 212 -6.93 -27.04 -9.39
N VAL B 213 -5.84 -26.27 -9.49
CA VAL B 213 -5.70 -25.24 -10.55
C VAL B 213 -4.65 -25.64 -11.59
N ILE B 214 -4.92 -25.36 -12.85
CA ILE B 214 -3.96 -25.69 -13.91
C ILE B 214 -3.72 -24.58 -14.92
N VAL B 215 -2.60 -24.71 -15.62
CA VAL B 215 -2.15 -23.77 -16.64
C VAL B 215 -1.84 -24.56 -17.90
N PRO B 216 -2.76 -24.55 -18.88
CA PRO B 216 -2.76 -25.22 -20.19
C PRO B 216 -1.81 -24.69 -21.25
N THR B 217 -0.95 -23.75 -20.88
CA THR B 217 -0.03 -23.18 -21.85
C THR B 217 0.51 -24.20 -22.86
N LYS B 218 1.30 -25.17 -22.40
CA LYS B 218 1.88 -26.16 -23.32
C LYS B 218 0.98 -27.25 -23.92
N TYR B 219 -0.18 -27.51 -23.33
CA TYR B 219 -1.12 -28.51 -23.86
C TYR B 219 -2.47 -27.84 -24.13
N TYR B 220 -2.43 -26.76 -24.91
CA TYR B 220 -3.61 -25.97 -25.23
C TYR B 220 -4.60 -26.57 -26.20
N LYS B 221 -4.26 -27.71 -26.78
CA LYS B 221 -5.17 -28.36 -27.71
C LYS B 221 -6.10 -29.29 -26.92
N THR B 222 -5.73 -29.60 -25.68
CA THR B 222 -6.59 -30.46 -24.90
C THR B 222 -7.96 -29.77 -24.94
N PRO B 223 -9.02 -30.52 -25.22
CA PRO B 223 -10.31 -29.83 -25.26
C PRO B 223 -10.62 -29.47 -23.81
N THR B 224 -11.13 -28.27 -23.57
CA THR B 224 -11.43 -27.81 -22.21
C THR B 224 -12.35 -28.75 -21.42
N ASP B 225 -13.37 -29.29 -22.08
CA ASP B 225 -14.30 -30.23 -21.46
C ASP B 225 -13.56 -31.35 -20.70
N HIS B 226 -12.43 -31.79 -21.25
CA HIS B 226 -11.64 -32.85 -20.60
C HIS B 226 -11.23 -32.46 -19.18
N PHE B 227 -10.93 -31.18 -18.97
CA PHE B 227 -10.54 -30.72 -17.63
C PHE B 227 -11.75 -30.81 -16.72
N ARG B 228 -12.91 -30.49 -17.27
CA ARG B 228 -14.13 -30.56 -16.48
C ARG B 228 -14.27 -32.02 -16.04
N ASP B 229 -14.14 -32.93 -16.99
CA ASP B 229 -14.26 -34.34 -16.69
C ASP B 229 -13.23 -34.82 -15.70
N MET B 230 -12.08 -34.14 -15.63
CA MET B 230 -11.05 -34.55 -14.67
C MET B 230 -11.36 -33.94 -13.32
N GLY B 231 -12.26 -32.96 -13.29
CA GLY B 231 -12.62 -32.31 -12.03
C GLY B 231 -11.90 -31.01 -11.69
N VAL B 232 -11.05 -30.56 -12.62
CA VAL B 232 -10.26 -29.32 -12.49
C VAL B 232 -11.10 -28.08 -12.17
N SER B 233 -10.90 -27.50 -10.99
CA SER B 233 -11.69 -26.34 -10.59
C SER B 233 -11.41 -25.00 -11.30
N MET B 234 -10.18 -24.80 -11.77
CA MET B 234 -9.82 -23.54 -12.41
C MET B 234 -8.69 -23.66 -13.43
N VAL B 235 -8.80 -22.89 -14.50
CA VAL B 235 -7.81 -22.84 -15.56
C VAL B 235 -7.26 -21.40 -15.67
N ILE B 236 -5.96 -21.29 -15.93
CA ILE B 236 -5.29 -20.02 -16.06
C ILE B 236 -4.72 -19.78 -17.45
N TRP B 237 -5.22 -18.77 -18.13
CA TRP B 237 -4.67 -18.43 -19.44
C TRP B 237 -3.61 -17.44 -18.94
N ALA B 238 -2.38 -17.93 -18.85
CA ALA B 238 -1.28 -17.21 -18.24
C ALA B 238 -0.42 -16.13 -18.92
N ASN B 239 -0.42 -16.02 -20.25
CA ASN B 239 0.44 -15.00 -20.83
C ASN B 239 0.02 -14.47 -22.18
N HIS B 240 -1.23 -14.71 -22.55
CA HIS B 240 -1.67 -14.33 -23.87
C HIS B 240 -1.88 -12.86 -24.18
N ASN B 241 -2.32 -12.10 -23.18
CA ASN B 241 -2.50 -10.68 -23.38
C ASN B 241 -1.14 -10.03 -23.52
N LEU B 242 -0.13 -10.57 -22.82
CA LEU B 242 1.22 -10.04 -22.89
C LEU B 242 1.84 -10.35 -24.25
N ARG B 243 1.61 -11.58 -24.71
CA ARG B 243 2.13 -12.02 -25.99
C ARG B 243 1.39 -11.28 -27.09
N ALA B 244 0.09 -11.04 -26.88
CA ALA B 244 -0.66 -10.28 -27.88
C ALA B 244 -0.13 -8.84 -27.93
N SER B 245 0.03 -8.21 -26.77
CA SER B 245 0.53 -6.85 -26.74
C SER B 245 1.82 -6.71 -27.55
N VAL B 246 2.75 -7.63 -27.35
CA VAL B 246 4.01 -7.58 -28.08
C VAL B 246 3.78 -7.66 -29.57
N SER B 247 2.97 -8.62 -30.00
CA SER B 247 2.72 -8.76 -31.43
C SER B 247 2.24 -7.45 -32.03
N ALA B 248 1.31 -6.79 -31.36
CA ALA B 248 0.75 -5.53 -31.81
C ALA B 248 1.75 -4.38 -31.76
N ILE B 249 2.58 -4.36 -30.74
CA ILE B 249 3.56 -3.28 -30.63
C ILE B 249 4.64 -3.50 -31.71
N GLN B 250 5.11 -4.73 -31.89
CA GLN B 250 6.14 -4.98 -32.91
C GLN B 250 5.65 -4.55 -34.30
N GLN B 251 4.41 -4.87 -34.62
CA GLN B 251 3.88 -4.52 -35.92
C GLN B 251 3.59 -3.04 -36.14
N THR B 252 3.01 -2.38 -35.13
CA THR B 252 2.67 -0.98 -35.25
C THR B 252 3.95 -0.17 -35.31
N THR B 253 4.97 -0.63 -34.59
CA THR B 253 6.27 0.03 -34.56
C THR B 253 6.94 -0.17 -35.93
N LYS B 254 6.84 -1.37 -36.48
CA LYS B 254 7.44 -1.63 -37.78
C LYS B 254 6.76 -0.77 -38.84
N GLN B 255 5.43 -0.82 -38.91
CA GLN B 255 4.69 -0.06 -39.91
C GLN B 255 5.00 1.42 -39.94
N ILE B 256 5.03 2.02 -38.75
CA ILE B 256 5.31 3.45 -38.61
C ILE B 256 6.76 3.76 -38.98
N TYR B 257 7.66 2.91 -38.53
CA TYR B 257 9.08 3.10 -38.81
C TYR B 257 9.32 3.18 -40.32
N ASP B 258 8.63 2.32 -41.08
CA ASP B 258 8.76 2.26 -42.54
C ASP B 258 8.04 3.33 -43.35
N ASP B 259 6.84 3.68 -42.90
CA ASP B 259 6.03 4.66 -43.61
C ASP B 259 6.40 6.09 -43.24
N GLN B 260 7.08 6.26 -42.10
CA GLN B 260 7.41 7.60 -41.63
C GLN B 260 6.07 8.35 -41.63
N SER B 261 5.00 7.64 -41.29
CA SER B 261 3.68 8.21 -41.27
C SER B 261 2.79 7.33 -40.39
N LEU B 262 1.62 7.85 -40.01
CA LEU B 262 0.67 7.13 -39.16
C LEU B 262 -0.59 6.58 -39.86
N VAL B 263 -0.80 6.97 -41.11
CA VAL B 263 -1.98 6.55 -41.86
C VAL B 263 -2.23 5.05 -41.94
N ASN B 264 -1.17 4.25 -41.90
CA ASN B 264 -1.36 2.82 -41.98
C ASN B 264 -1.51 2.10 -40.64
N VAL B 265 -1.59 2.87 -39.55
CA VAL B 265 -1.78 2.27 -38.25
C VAL B 265 -3.00 2.87 -37.58
N GLU B 266 -3.30 4.12 -37.90
CA GLU B 266 -4.43 4.78 -37.26
C GLU B 266 -5.78 4.06 -37.45
N ASP B 267 -5.89 3.22 -38.48
CA ASP B 267 -7.14 2.50 -38.72
C ASP B 267 -7.06 1.05 -38.26
N LYS B 268 -5.99 0.74 -37.53
CA LYS B 268 -5.79 -0.61 -37.04
C LYS B 268 -5.51 -0.64 -35.53
N ILE B 269 -5.89 0.45 -34.85
CA ILE B 269 -5.67 0.60 -33.41
C ILE B 269 -6.82 1.33 -32.70
N VAL B 270 -7.12 1.00 -31.45
CA VAL B 270 -8.22 1.68 -30.79
C VAL B 270 -7.96 3.20 -30.86
N SER B 271 -8.99 4.00 -30.59
CA SER B 271 -8.86 5.45 -30.66
C SER B 271 -8.42 6.09 -29.36
N VAL B 272 -8.01 7.36 -29.45
CA VAL B 272 -7.58 8.09 -28.28
C VAL B 272 -8.74 8.20 -27.31
N LYS B 273 -9.95 8.36 -27.85
CA LYS B 273 -11.11 8.41 -26.97
C LYS B 273 -11.29 7.07 -26.26
N GLU B 274 -10.89 5.98 -26.91
CA GLU B 274 -11.01 4.67 -26.27
C GLU B 274 -10.07 4.57 -25.04
N ILE B 275 -8.90 5.18 -25.16
CA ILE B 275 -7.92 5.21 -24.07
C ILE B 275 -8.50 6.00 -22.89
N PHE B 276 -9.08 7.17 -23.20
CA PHE B 276 -9.70 7.99 -22.17
C PHE B 276 -10.76 7.20 -21.41
N ARG B 277 -11.61 6.46 -22.14
CA ARG B 277 -12.65 5.69 -21.51
C ARG B 277 -12.02 4.60 -20.62
N LEU B 278 -10.94 4.01 -21.10
CA LEU B 278 -10.29 2.97 -20.33
C LEU B 278 -9.66 3.57 -19.08
N GLN B 279 -9.37 4.86 -19.12
CA GLN B 279 -8.79 5.54 -17.95
C GLN B 279 -9.90 6.10 -17.05
N ARG B 280 -11.14 5.83 -17.43
CA ARG B 280 -12.29 6.33 -16.69
C ARG B 280 -12.14 7.83 -16.55
N ASP B 281 -11.89 8.49 -17.68
CA ASP B 281 -11.73 9.94 -17.68
C ASP B 281 -13.08 10.60 -17.50
N ASP B 282 -14.15 9.88 -17.85
CA ASP B 282 -15.49 10.40 -17.71
C ASP B 282 -15.78 10.65 -16.23
N GLU B 283 -15.29 9.77 -15.37
CA GLU B 283 -15.51 9.95 -13.94
C GLU B 283 -14.84 11.25 -13.46
N LEU B 284 -13.67 11.56 -14.00
CA LEU B 284 -12.99 12.76 -13.57
C LEU B 284 -13.78 13.99 -13.96
N VAL B 285 -14.39 13.95 -15.14
CA VAL B 285 -15.19 15.07 -15.63
C VAL B 285 -16.38 15.33 -14.71
N GLN B 286 -17.03 14.27 -14.27
CA GLN B 286 -18.16 14.39 -13.37
C GLN B 286 -17.63 14.98 -12.05
N ALA B 287 -16.48 14.49 -11.61
CA ALA B 287 -15.88 14.97 -10.37
C ALA B 287 -15.41 16.44 -10.47
N GLU B 288 -14.76 16.82 -11.55
CA GLU B 288 -14.30 18.20 -11.67
C GLU B 288 -15.50 19.14 -11.58
N ASP B 289 -16.64 18.69 -12.10
CA ASP B 289 -17.85 19.51 -12.05
C ASP B 289 -18.33 19.74 -10.64
N LYS B 290 -18.13 18.75 -9.78
CA LYS B 290 -18.56 18.88 -8.40
C LYS B 290 -17.59 19.69 -7.58
N TYR B 291 -16.31 19.34 -7.67
CA TYR B 291 -15.29 19.97 -6.86
C TYR B 291 -14.41 21.11 -7.39
N LEU B 292 -14.85 21.78 -8.45
CA LEU B 292 -14.08 22.92 -8.97
C LEU B 292 -15.02 24.10 -9.15
N PRO B 293 -14.76 25.21 -8.46
CA PRO B 293 -15.63 26.37 -8.58
C PRO B 293 -15.81 26.84 -10.02
MG MG C . 3.99 20.97 7.92
C1 SPV D . 5.12 20.27 10.26
O1 SPV D . 5.61 19.76 11.34
O2' SPV D . 5.55 20.00 9.15
C2 SPV D . 3.99 21.28 10.52
C3 SPV D . 3.98 22.37 11.32
O2 SPV D . 2.90 21.05 9.89
S SPV D . 5.19 23.63 10.79
O1S SPV D . 4.88 23.92 9.45
O2S SPV D . 6.46 23.02 10.98
O3S SPV D . 4.92 24.77 11.56
MG MG E . 5.40 -17.57 -12.89
C1 SPV F . 3.95 -17.02 -15.05
O1 SPV F . 3.17 -16.35 -15.82
O2' SPV F . 4.97 -16.58 -14.57
C2 SPV F . 3.46 -18.45 -14.79
C3 SPV F . 3.23 -19.48 -15.66
O2 SPV F . 3.22 -18.69 -13.56
S SPV F . 4.74 -20.13 -16.43
O1S SPV F . 5.67 -20.28 -15.38
O2S SPV F . 5.11 -19.14 -17.39
O3S SPV F . 4.45 -21.39 -16.94
#